data_3NAV
#
_entry.id   3NAV
#
_cell.length_a   57.594
_cell.length_b   60.380
_cell.length_c   141.197
_cell.angle_alpha   90.00
_cell.angle_beta   90.00
_cell.angle_gamma   90.00
#
_symmetry.space_group_name_H-M   'P 21 21 21'
#
loop_
_entity.id
_entity.type
_entity.pdbx_description
1 polymer 'Tryptophan synthase alpha chain'
2 non-polymer 1,2-ETHANEDIOL
3 water water
#
_entity_poly.entity_id   1
_entity_poly.type   'polypeptide(L)'
_entity_poly.pdbx_seq_one_letter_code
;SNAMNRYQALFQRLSAAQQGAFVPFVTIGDPNPEQSLAIMQTLIDAGADALELGMPFSDPLADGPTIQGANLRALAAKTT
PDICFELIAQIRARNPETPIGLLMYANLVYARGIDDFYQRCQKAGVDSVLIADVPTNESQPFVAAAEKFGIQPIFIAPPT
ASDETLRAVAQLGKGYTYLLSRAGVTGAETKANMPVHALLERLQQFDAPPALLGFGISEPAQVKQAIEAGAAGAISGSAV
VKIIETHLDNPAKQLTELANFTQAMKKATKI
;
_entity_poly.pdbx_strand_id   A,B
#
loop_
_chem_comp.id
_chem_comp.type
_chem_comp.name
_chem_comp.formula
EDO non-polymer 1,2-ETHANEDIOL 'C2 H6 O2'
#
# COMPACT_ATOMS: atom_id res chain seq x y z
N ALA A 3 0.60 -31.93 16.74
CA ALA A 3 -0.53 -31.43 17.60
C ALA A 3 -1.07 -30.06 17.13
N MET A 4 -2.18 -29.60 17.73
CA MET A 4 -2.95 -28.44 17.23
C MET A 4 -2.18 -27.13 17.31
N ASN A 5 -2.27 -26.31 16.27
CA ASN A 5 -1.79 -24.95 16.32
C ASN A 5 -2.76 -24.08 17.14
N ARG A 6 -2.36 -22.85 17.43
CA ARG A 6 -3.09 -22.08 18.39
C ARG A 6 -4.52 -21.74 17.89
N TYR A 7 -4.66 -21.59 16.60
CA TYR A 7 -5.95 -21.21 16.06
C TYR A 7 -6.89 -22.41 16.05
N GLN A 8 -6.36 -23.58 15.74
CA GLN A 8 -7.18 -24.82 15.68
C GLN A 8 -7.79 -25.05 17.05
N ALA A 9 -6.96 -24.94 18.05
CA ALA A 9 -7.42 -25.08 19.45
C ALA A 9 -8.42 -23.99 19.83
N LEU A 10 -8.13 -22.73 19.49
CA LEU A 10 -9.06 -21.65 19.81
C LEU A 10 -10.39 -21.98 19.26
N PHE A 11 -10.46 -22.28 17.97
CA PHE A 11 -11.75 -22.46 17.35
C PHE A 11 -12.52 -23.62 17.93
N GLN A 12 -11.82 -24.68 18.29
CA GLN A 12 -12.56 -25.83 18.82
C GLN A 12 -13.11 -25.49 20.22
N ARG A 13 -12.31 -24.74 20.98
CA ARG A 13 -12.68 -24.39 22.34
C ARG A 13 -13.85 -23.42 22.34
N LEU A 14 -13.81 -22.45 21.42
CA LEU A 14 -14.87 -21.49 21.28
C LEU A 14 -16.19 -22.10 20.84
N SER A 15 -16.15 -22.93 19.80
CA SER A 15 -17.32 -23.70 19.39
C SER A 15 -17.94 -24.49 20.53
N ALA A 16 -17.13 -25.15 21.35
CA ALA A 16 -17.68 -25.88 22.51
C ALA A 16 -18.35 -24.89 23.47
N ALA A 17 -17.95 -23.61 23.46
CA ALA A 17 -18.59 -22.62 24.34
C ALA A 17 -19.69 -21.85 23.61
N GLN A 18 -19.99 -22.27 22.39
CA GLN A 18 -20.97 -21.59 21.56
C GLN A 18 -20.68 -20.10 21.40
N GLN A 19 -19.45 -19.79 21.05
CA GLN A 19 -19.04 -18.41 20.73
C GLN A 19 -18.25 -18.42 19.45
N GLY A 20 -18.25 -17.29 18.76
CA GLY A 20 -17.28 -17.06 17.77
C GLY A 20 -16.13 -16.21 18.31
N ALA A 21 -15.17 -15.92 17.46
CA ALA A 21 -13.94 -15.23 17.84
C ALA A 21 -14.09 -13.71 17.58
N PHE A 22 -13.51 -12.89 18.46
CA PHE A 22 -13.30 -11.49 18.15
C PHE A 22 -11.82 -11.15 18.16
N VAL A 23 -11.35 -10.55 17.07
CA VAL A 23 -9.90 -10.31 16.89
C VAL A 23 -9.68 -8.86 16.56
N PRO A 24 -9.06 -8.11 17.48
CA PRO A 24 -8.87 -6.73 17.16
C PRO A 24 -7.53 -6.51 16.49
N PHE A 25 -7.41 -5.45 15.70
CA PHE A 25 -6.14 -5.13 15.03
C PHE A 25 -5.58 -3.81 15.58
N VAL A 26 -4.27 -3.77 15.85
CA VAL A 26 -3.55 -2.53 16.18
C VAL A 26 -2.21 -2.54 15.48
N THR A 27 -1.70 -1.33 15.23
CA THR A 27 -0.35 -1.12 14.69
C THR A 27 0.59 -1.16 15.86
N ILE A 28 1.65 -1.92 15.72
CA ILE A 28 2.64 -2.10 16.81
C ILE A 28 3.47 -0.82 16.92
N GLY A 29 3.62 -0.33 18.13
CA GLY A 29 4.33 0.92 18.38
C GLY A 29 3.51 2.19 18.38
N ASP A 30 2.21 2.07 18.14
CA ASP A 30 1.29 3.20 18.13
C ASP A 30 0.62 3.28 19.54
N PRO A 31 0.77 4.43 20.24
CA PRO A 31 1.45 5.70 19.89
C PRO A 31 2.92 5.73 20.21
N ASN A 32 3.32 4.80 21.06
CA ASN A 32 4.73 4.54 21.34
C ASN A 32 4.84 3.11 21.89
N PRO A 33 6.05 2.56 21.92
CA PRO A 33 6.24 1.18 22.34
C PRO A 33 5.59 0.82 23.70
N GLU A 34 5.86 1.62 24.72
CA GLU A 34 5.37 1.28 26.04
C GLU A 34 3.84 1.29 26.11
N GLN A 35 3.25 2.29 25.46
CA GLN A 35 1.81 2.35 25.44
C GLN A 35 1.23 1.28 24.52
N SER A 36 1.94 0.94 23.46
CA SER A 36 1.47 -0.09 22.56
C SER A 36 1.48 -1.42 23.33
N LEU A 37 2.44 -1.62 24.22
CA LEU A 37 2.46 -2.85 25.00
C LEU A 37 1.22 -2.86 25.92
N ALA A 38 0.90 -1.73 26.54
CA ALA A 38 -0.24 -1.67 27.45
C ALA A 38 -1.55 -1.92 26.67
N ILE A 39 -1.63 -1.30 25.50
CA ILE A 39 -2.74 -1.51 24.57
C ILE A 39 -2.93 -3.00 24.27
N MET A 40 -1.86 -3.69 23.88
CA MET A 40 -2.01 -5.11 23.46
C MET A 40 -2.50 -5.98 24.61
N GLN A 41 -1.95 -5.74 25.79
CA GLN A 41 -2.32 -6.49 26.98
C GLN A 41 -3.73 -6.18 27.36
N THR A 42 -4.15 -4.93 27.14
CA THR A 42 -5.51 -4.52 27.52
C THR A 42 -6.52 -5.22 26.63
N LEU A 43 -6.17 -5.39 25.35
CA LEU A 43 -7.07 -6.05 24.43
C LEU A 43 -7.25 -7.51 24.86
N ILE A 44 -6.15 -8.15 25.22
CA ILE A 44 -6.16 -9.52 25.64
C ILE A 44 -6.99 -9.66 26.92
N ASP A 45 -6.74 -8.77 27.86
CA ASP A 45 -7.35 -8.87 29.17
C ASP A 45 -8.84 -8.64 29.07
N ALA A 46 -9.25 -7.78 28.13
CA ALA A 46 -10.67 -7.47 27.97
C ALA A 46 -11.47 -8.50 27.16
N GLY A 47 -10.83 -9.58 26.71
CA GLY A 47 -11.53 -10.66 25.99
C GLY A 47 -11.21 -10.85 24.50
N ALA A 48 -10.18 -10.19 23.92
CA ALA A 48 -9.79 -10.55 22.56
C ALA A 48 -9.38 -12.02 22.52
N ASP A 49 -9.95 -12.76 21.57
CA ASP A 49 -9.62 -14.17 21.35
C ASP A 49 -8.25 -14.38 20.66
N ALA A 50 -7.82 -13.43 19.83
CA ALA A 50 -6.47 -13.41 19.28
C ALA A 50 -6.14 -11.94 19.00
N LEU A 51 -4.89 -11.64 18.66
CA LEU A 51 -4.49 -10.30 18.22
C LEU A 51 -4.08 -10.35 16.76
N GLU A 52 -4.42 -9.31 16.00
CA GLU A 52 -3.83 -9.11 14.74
C GLU A 52 -3.02 -7.82 14.80
N LEU A 53 -1.78 -7.86 14.36
CA LEU A 53 -0.82 -6.77 14.56
C LEU A 53 -0.08 -6.37 13.29
N GLY A 54 0.12 -5.07 13.13
CA GLY A 54 0.70 -4.52 11.90
C GLY A 54 1.98 -3.84 12.29
N MET A 55 2.95 -3.86 11.41
CA MET A 55 4.15 -3.08 11.60
C MET A 55 4.06 -1.82 10.76
N PRO A 56 4.54 -0.70 11.31
CA PRO A 56 4.44 0.59 10.65
C PRO A 56 5.45 0.78 9.52
N PHE A 57 5.07 1.54 8.51
CA PHE A 57 5.98 1.94 7.43
C PHE A 57 5.36 3.19 6.75
N SER A 58 6.18 3.91 6.05
CA SER A 58 5.76 5.14 5.47
C SER A 58 5.18 4.89 4.10
N ASP A 59 4.07 5.56 3.85
CA ASP A 59 3.36 5.52 2.57
C ASP A 59 2.62 6.88 2.27
N PRO A 60 3.36 7.97 2.07
CA PRO A 60 2.77 9.32 2.02
C PRO A 60 1.66 9.50 0.98
N LEU A 61 1.77 8.85 -0.18
CA LEU A 61 0.71 8.85 -1.19
C LEU A 61 -0.61 8.32 -0.71
N ALA A 62 -0.58 7.46 0.31
CA ALA A 62 -1.83 6.86 0.84
C ALA A 62 -2.22 7.46 2.18
N ASP A 63 -1.68 8.62 2.55
CA ASP A 63 -2.12 9.23 3.77
C ASP A 63 -3.62 9.52 3.82
N GLY A 64 -4.17 9.39 5.03
CA GLY A 64 -5.57 9.73 5.32
C GLY A 64 -6.37 8.69 6.13
N PRO A 65 -6.31 7.41 5.72
CA PRO A 65 -7.15 6.48 6.49
C PRO A 65 -6.58 6.25 7.90
N THR A 66 -7.40 5.74 8.81
CA THR A 66 -6.98 5.52 10.23
C THR A 66 -5.68 4.75 10.46
N ILE A 67 -5.49 3.62 9.80
CA ILE A 67 -4.29 2.81 10.03
C ILE A 67 -3.07 3.53 9.56
N GLN A 68 -3.10 4.22 8.42
CA GLN A 68 -1.97 5.02 7.98
CA GLN A 68 -1.90 5.00 8.03
C GLN A 68 -1.62 6.08 9.05
N GLY A 69 -2.67 6.60 9.68
CA GLY A 69 -2.48 7.56 10.79
C GLY A 69 -1.70 6.88 11.91
N ALA A 70 -2.06 5.66 12.26
CA ALA A 70 -1.31 4.89 13.24
C ALA A 70 0.18 4.71 12.82
N ASN A 71 0.39 4.40 11.55
CA ASN A 71 1.73 4.20 11.07
C ASN A 71 2.58 5.43 11.26
N LEU A 72 2.03 6.61 10.98
CA LEU A 72 2.76 7.85 11.17
C LEU A 72 3.13 8.07 12.66
N ARG A 73 2.21 7.82 13.57
CA ARG A 73 2.50 7.97 14.99
C ARG A 73 3.60 7.07 15.47
N ALA A 74 3.51 5.80 15.11
CA ALA A 74 4.52 4.80 15.44
C ALA A 74 5.88 5.10 14.86
N LEU A 75 5.91 5.61 13.65
CA LEU A 75 7.15 6.05 13.00
C LEU A 75 7.70 7.29 13.74
N ALA A 76 6.84 8.25 14.05
CA ALA A 76 7.30 9.41 14.83
C ALA A 76 7.89 8.98 16.18
N ALA A 77 7.44 7.84 16.71
CA ALA A 77 7.97 7.31 17.93
C ALA A 77 9.16 6.43 17.67
N LYS A 78 9.63 6.41 16.44
CA LYS A 78 10.81 5.62 16.00
C LYS A 78 10.67 4.14 16.20
N THR A 79 9.47 3.63 15.93
CA THR A 79 9.29 2.18 15.90
C THR A 79 9.99 1.53 14.70
N THR A 80 10.71 0.44 14.96
CA THR A 80 11.42 -0.26 13.92
C THR A 80 10.92 -1.69 13.98
N PRO A 81 11.27 -2.51 13.00
CA PRO A 81 10.83 -3.89 13.11
C PRO A 81 11.43 -4.66 14.30
N ASP A 82 12.69 -4.36 14.64
CA ASP A 82 13.37 -4.95 15.80
C ASP A 82 12.58 -4.66 17.04
N ILE A 83 12.13 -3.43 17.15
CA ILE A 83 11.26 -3.04 18.25
C ILE A 83 9.96 -3.80 18.25
N CYS A 84 9.37 -3.99 17.06
CA CYS A 84 8.09 -4.68 16.94
C CYS A 84 8.21 -6.15 17.41
N PHE A 85 9.23 -6.85 16.95
CA PHE A 85 9.52 -8.20 17.41
C PHE A 85 9.79 -8.25 18.95
N GLU A 86 10.48 -7.28 19.55
CA GLU A 86 10.76 -7.31 20.99
C GLU A 86 9.39 -7.24 21.70
N LEU A 87 8.58 -6.27 21.26
CA LEU A 87 7.23 -6.13 21.82
C LEU A 87 6.37 -7.37 21.66
N ILE A 88 6.41 -8.03 20.51
CA ILE A 88 5.64 -9.23 20.35
C ILE A 88 6.13 -10.32 21.33
N ALA A 89 7.44 -10.50 21.44
CA ALA A 89 7.99 -11.42 22.41
C ALA A 89 7.44 -11.21 23.86
N GLN A 90 7.32 -9.96 24.28
CA GLN A 90 6.89 -9.68 25.65
C GLN A 90 5.42 -10.04 25.84
N ILE A 91 4.60 -9.77 24.82
CA ILE A 91 3.19 -10.17 24.84
C ILE A 91 3.05 -11.71 24.88
N ARG A 92 3.84 -12.38 24.04
CA ARG A 92 3.88 -13.84 24.05
C ARG A 92 4.33 -14.43 25.41
N ALA A 93 5.35 -13.84 26.00
CA ALA A 93 5.86 -14.32 27.31
C ALA A 93 4.80 -14.20 28.35
N ARG A 94 4.00 -13.14 28.32
CA ARG A 94 2.99 -12.88 29.39
C ARG A 94 1.69 -13.60 29.07
N ASN A 95 1.44 -13.87 27.80
CA ASN A 95 0.22 -14.54 27.37
C ASN A 95 0.55 -15.76 26.49
N PRO A 96 1.03 -16.85 27.12
CA PRO A 96 1.45 -18.00 26.28
C PRO A 96 0.39 -18.69 25.42
N GLU A 97 -0.89 -18.57 25.75
CA GLU A 97 -1.99 -19.20 24.98
C GLU A 97 -2.58 -18.34 23.82
N THR A 98 -2.47 -17.02 23.89
CA THR A 98 -3.15 -16.12 22.93
C THR A 98 -2.55 -16.21 21.53
N PRO A 99 -3.36 -16.62 20.52
CA PRO A 99 -2.83 -16.57 19.15
C PRO A 99 -2.46 -15.14 18.77
N ILE A 100 -1.31 -14.99 18.09
CA ILE A 100 -0.79 -13.71 17.56
C ILE A 100 -0.54 -13.84 16.06
N GLY A 101 -1.28 -13.05 15.31
CA GLY A 101 -1.12 -12.98 13.89
C GLY A 101 -0.49 -11.65 13.46
N LEU A 102 0.31 -11.66 12.44
CA LEU A 102 0.77 -10.38 11.88
C LEU A 102 0.10 -10.16 10.53
N LEU A 103 -0.29 -8.94 10.29
CA LEU A 103 -0.75 -8.51 8.98
C LEU A 103 0.35 -7.64 8.44
N MET A 104 1.09 -8.14 7.46
CA MET A 104 2.25 -7.46 6.93
C MET A 104 2.02 -7.05 5.53
N TYR A 105 2.64 -5.96 5.17
CA TYR A 105 2.92 -5.71 3.76
C TYR A 105 4.28 -6.27 3.36
N ALA A 106 4.43 -6.65 2.13
CA ALA A 106 5.63 -7.29 1.68
C ALA A 106 6.93 -6.52 1.90
N ASN A 107 6.88 -5.21 1.80
CA ASN A 107 8.08 -4.39 1.93
C ASN A 107 9.04 -4.77 3.09
N LEU A 108 8.53 -4.79 4.31
CA LEU A 108 9.32 -5.10 5.46
C LEU A 108 9.71 -6.60 5.52
N VAL A 109 8.95 -7.45 4.88
CA VAL A 109 9.25 -8.87 4.88
C VAL A 109 10.41 -9.10 3.90
N TYR A 110 10.44 -8.36 2.80
CA TYR A 110 11.55 -8.52 1.87
C TYR A 110 12.77 -7.79 2.41
N ALA A 111 12.58 -6.75 3.21
CA ALA A 111 13.70 -5.80 3.36
C ALA A 111 14.99 -6.44 3.89
N ARG A 112 14.87 -7.38 4.84
CA ARG A 112 16.01 -8.10 5.44
C ARG A 112 15.95 -9.59 5.13
N GLY A 113 15.24 -9.92 4.06
CA GLY A 113 15.12 -11.28 3.59
C GLY A 113 13.91 -11.98 4.17
N ILE A 114 13.24 -12.74 3.30
CA ILE A 114 12.01 -13.35 3.60
C ILE A 114 12.17 -14.36 4.74
N ASP A 115 13.18 -15.21 4.59
CA ASP A 115 13.51 -16.27 5.49
C ASP A 115 13.88 -15.68 6.85
N ASP A 116 14.59 -14.55 6.82
CA ASP A 116 14.97 -13.89 8.05
C ASP A 116 13.75 -13.41 8.85
N PHE A 117 12.82 -12.81 8.13
CA PHE A 117 11.58 -12.35 8.74
C PHE A 117 10.81 -13.47 9.49
N TYR A 118 10.61 -14.59 8.80
CA TYR A 118 9.89 -15.70 9.43
C TYR A 118 10.65 -16.36 10.59
N GLN A 119 11.97 -16.35 10.55
CA GLN A 119 12.78 -16.78 11.67
C GLN A 119 12.51 -15.89 12.89
N ARG A 120 12.52 -14.58 12.68
CA ARG A 120 12.21 -13.65 13.74
C ARG A 120 10.78 -13.89 14.25
N CYS A 121 9.83 -14.22 13.36
CA CYS A 121 8.49 -14.56 13.78
C CYS A 121 8.49 -15.73 14.75
N GLN A 122 9.27 -16.76 14.45
CA GLN A 122 9.28 -17.93 15.32
C GLN A 122 9.95 -17.56 16.65
N LYS A 123 11.04 -16.81 16.61
CA LYS A 123 11.69 -16.40 17.87
C LYS A 123 10.72 -15.60 18.75
N ALA A 124 9.89 -14.71 18.15
CA ALA A 124 8.98 -13.87 18.92
C ALA A 124 7.68 -14.57 19.31
N GLY A 125 7.42 -15.72 18.74
CA GLY A 125 6.21 -16.52 19.12
C GLY A 125 4.95 -16.20 18.30
N VAL A 126 5.16 -15.63 17.12
CA VAL A 126 4.07 -15.35 16.19
C VAL A 126 3.45 -16.65 15.70
N ASP A 127 2.12 -16.69 15.61
CA ASP A 127 1.45 -17.83 15.04
C ASP A 127 1.25 -17.76 13.51
N SER A 128 0.88 -16.60 12.98
CA SER A 128 0.47 -16.48 11.60
C SER A 128 0.96 -15.19 10.95
N VAL A 129 1.15 -15.24 9.65
CA VAL A 129 1.50 -14.06 8.87
C VAL A 129 0.66 -13.98 7.63
N LEU A 130 0.07 -12.82 7.47
CA LEU A 130 -0.77 -12.52 6.33
C LEU A 130 -0.03 -11.48 5.53
N ILE A 131 0.30 -11.83 4.30
CA ILE A 131 0.98 -10.91 3.42
C ILE A 131 -0.03 -10.17 2.52
N ALA A 132 -0.28 -8.91 2.83
CA ALA A 132 -1.49 -8.24 2.41
C ALA A 132 -1.52 -8.01 0.91
N ASP A 133 -0.34 -7.88 0.30
CA ASP A 133 -0.24 -7.37 -1.05
C ASP A 133 0.49 -8.27 -2.07
N VAL A 134 0.41 -9.58 -1.88
CA VAL A 134 0.98 -10.57 -2.77
C VAL A 134 -0.11 -11.63 -2.96
N PRO A 135 -0.46 -11.95 -4.21
CA PRO A 135 -1.49 -12.96 -4.44
C PRO A 135 -1.04 -14.36 -4.25
N THR A 136 -2.01 -15.26 -4.11
CA THR A 136 -1.72 -16.61 -3.76
C THR A 136 -0.74 -17.23 -4.76
N ASN A 137 -0.91 -16.86 -6.04
CA ASN A 137 -0.13 -17.47 -7.09
C ASN A 137 1.31 -16.93 -7.16
N GLU A 138 1.67 -16.00 -6.27
CA GLU A 138 3.00 -15.47 -6.14
C GLU A 138 3.51 -15.64 -4.72
N SER A 139 2.81 -16.47 -3.97
CA SER A 139 3.08 -16.56 -2.55
C SER A 139 4.12 -17.61 -2.13
N GLN A 140 4.61 -18.37 -3.10
CA GLN A 140 5.50 -19.51 -2.88
C GLN A 140 6.65 -19.24 -1.92
N PRO A 141 7.42 -18.16 -2.10
CA PRO A 141 8.59 -18.01 -1.20
C PRO A 141 8.21 -17.61 0.23
N PHE A 142 7.05 -16.97 0.38
CA PHE A 142 6.48 -16.66 1.68
C PHE A 142 6.04 -17.88 2.44
N VAL A 143 5.34 -18.77 1.73
CA VAL A 143 4.83 -20.04 2.28
C VAL A 143 5.97 -21.00 2.62
N ALA A 144 7.00 -21.05 1.78
CA ALA A 144 8.16 -21.93 2.03
C ALA A 144 8.83 -21.51 3.33
N ALA A 145 9.00 -20.21 3.52
CA ALA A 145 9.52 -19.67 4.73
C ALA A 145 8.62 -19.94 5.94
N ALA A 146 7.33 -19.68 5.76
CA ALA A 146 6.37 -19.95 6.80
C ALA A 146 6.43 -21.43 7.23
N GLU A 147 6.49 -22.32 6.26
CA GLU A 147 6.53 -23.75 6.57
C GLU A 147 7.78 -24.14 7.39
N LYS A 148 8.93 -23.67 6.95
CA LYS A 148 10.18 -23.93 7.61
C LYS A 148 10.17 -23.48 9.10
N PHE A 149 9.53 -22.33 9.38
CA PHE A 149 9.51 -21.73 10.73
C PHE A 149 8.20 -21.99 11.51
N GLY A 150 7.40 -22.93 11.03
CA GLY A 150 6.17 -23.36 11.71
C GLY A 150 5.08 -22.29 11.80
N ILE A 151 5.05 -21.34 10.86
CA ILE A 151 4.15 -20.19 10.85
C ILE A 151 2.99 -20.46 9.90
N GLN A 152 1.77 -20.20 10.38
CA GLN A 152 0.57 -20.38 9.57
C GLN A 152 0.42 -19.26 8.55
N PRO A 153 0.37 -19.58 7.24
CA PRO A 153 0.04 -18.54 6.28
C PRO A 153 -1.44 -18.19 6.20
N ILE A 154 -1.74 -16.87 6.23
CA ILE A 154 -3.10 -16.38 6.20
C ILE A 154 -3.31 -15.69 4.86
N PHE A 155 -4.35 -16.11 4.15
CA PHE A 155 -4.72 -15.46 2.90
C PHE A 155 -6.06 -14.70 2.97
N ILE A 156 -6.13 -13.65 2.15
CA ILE A 156 -7.39 -12.94 1.92
C ILE A 156 -8.20 -13.61 0.80
N ALA A 157 -9.50 -13.75 1.01
CA ALA A 157 -10.39 -14.35 0.02
C ALA A 157 -11.47 -13.36 -0.25
N PRO A 158 -11.34 -12.61 -1.34
CA PRO A 158 -12.37 -11.68 -1.69
C PRO A 158 -13.58 -12.41 -2.26
N PRO A 159 -14.68 -11.67 -2.40
CA PRO A 159 -15.95 -12.30 -2.83
C PRO A 159 -15.81 -12.93 -4.23
N THR A 160 -15.02 -12.28 -5.09
CA THR A 160 -14.80 -12.75 -6.42
C THR A 160 -13.74 -13.88 -6.50
N ALA A 161 -13.36 -14.53 -5.39
CA ALA A 161 -12.16 -15.41 -5.46
C ALA A 161 -12.34 -16.52 -6.48
N SER A 162 -11.32 -16.72 -7.30
CA SER A 162 -11.34 -17.80 -8.29
C SER A 162 -11.12 -19.16 -7.60
N ASP A 163 -11.51 -20.24 -8.24
CA ASP A 163 -11.17 -21.60 -7.81
C ASP A 163 -9.67 -21.82 -7.57
N GLU A 164 -8.81 -21.29 -8.45
CA GLU A 164 -7.39 -21.55 -8.23
C GLU A 164 -6.91 -20.74 -7.02
N THR A 165 -7.49 -19.57 -6.79
CA THR A 165 -7.23 -18.83 -5.53
C THR A 165 -7.72 -19.66 -4.34
N LEU A 166 -8.93 -20.16 -4.35
CA LEU A 166 -9.38 -20.89 -3.16
C LEU A 166 -8.69 -22.22 -2.94
N ARG A 167 -8.28 -22.89 -4.00
CA ARG A 167 -7.40 -24.03 -3.90
C ARG A 167 -6.10 -23.72 -3.14
N ALA A 168 -5.46 -22.66 -3.53
CA ALA A 168 -4.24 -22.22 -2.87
C ALA A 168 -4.52 -21.93 -1.39
N VAL A 169 -5.60 -21.23 -1.10
CA VAL A 169 -5.90 -20.95 0.24
C VAL A 169 -5.96 -22.24 1.05
N ALA A 170 -6.73 -23.22 0.57
CA ALA A 170 -6.89 -24.48 1.25
C ALA A 170 -5.59 -25.27 1.29
N GLN A 171 -4.80 -25.33 0.22
CA GLN A 171 -3.55 -26.10 0.28
C GLN A 171 -2.44 -25.41 1.10
N LEU A 172 -2.30 -24.10 0.93
CA LEU A 172 -1.17 -23.37 1.53
C LEU A 172 -1.55 -22.71 2.85
N GLY A 173 -2.77 -22.18 2.94
CA GLY A 173 -3.17 -21.45 4.13
C GLY A 173 -3.34 -22.38 5.35
N LYS A 174 -3.04 -21.84 6.53
CA LYS A 174 -3.40 -22.52 7.79
C LYS A 174 -4.03 -21.45 8.72
N GLY A 175 -4.67 -21.91 9.79
CA GLY A 175 -5.08 -20.99 10.84
C GLY A 175 -6.45 -20.40 10.63
N TYR A 176 -6.57 -19.42 9.74
CA TYR A 176 -7.88 -18.90 9.39
C TYR A 176 -7.80 -18.32 7.96
N THR A 177 -8.95 -18.07 7.36
CA THR A 177 -9.04 -17.32 6.11
C THR A 177 -9.62 -15.94 6.39
N TYR A 178 -9.01 -14.94 5.77
CA TYR A 178 -9.45 -13.55 5.92
C TYR A 178 -10.42 -13.25 4.83
N LEU A 179 -11.68 -13.17 5.21
CA LEU A 179 -12.76 -12.95 4.31
C LEU A 179 -13.01 -11.46 4.28
N LEU A 180 -12.69 -10.87 3.15
CA LEU A 180 -12.81 -9.46 2.94
C LEU A 180 -14.09 -9.33 2.18
N SER A 181 -15.07 -8.77 2.85
CA SER A 181 -16.35 -8.51 2.24
C SER A 181 -16.52 -7.00 2.36
N ARG A 182 -16.53 -6.30 1.22
CA ARG A 182 -16.80 -4.84 1.20
C ARG A 182 -18.32 -4.49 1.16
N ALA A 183 -19.07 -5.01 2.13
CA ALA A 183 -20.54 -4.88 2.24
C ALA A 183 -21.11 -5.90 3.25
N ALA A 192 -28.60 -9.80 -1.08
CA ALA A 192 -27.50 -8.99 -0.53
C ALA A 192 -26.49 -9.80 0.31
N ASN A 193 -27.00 -10.65 1.20
CA ASN A 193 -26.16 -11.57 2.04
C ASN A 193 -25.62 -12.79 1.28
N MET A 194 -26.25 -13.10 0.14
CA MET A 194 -25.99 -14.31 -0.63
C MET A 194 -24.50 -14.48 -0.97
N PRO A 195 -23.83 -13.41 -1.47
CA PRO A 195 -22.40 -13.51 -1.74
C PRO A 195 -21.56 -13.99 -0.54
N VAL A 196 -21.86 -13.48 0.65
CA VAL A 196 -21.16 -13.93 1.85
C VAL A 196 -21.45 -15.38 2.20
N HIS A 197 -22.74 -15.74 2.14
CA HIS A 197 -23.16 -17.14 2.32
C HIS A 197 -22.57 -18.10 1.30
N ALA A 198 -22.50 -17.65 0.06
CA ALA A 198 -21.94 -18.42 -1.04
C ALA A 198 -20.48 -18.68 -0.75
N LEU A 199 -19.74 -17.65 -0.28
CA LEU A 199 -18.32 -17.77 -0.15
C LEU A 199 -17.97 -18.66 1.05
N LEU A 200 -18.68 -18.49 2.16
CA LEU A 200 -18.48 -19.37 3.29
C LEU A 200 -18.66 -20.85 2.88
N GLU A 201 -19.73 -21.13 2.15
CA GLU A 201 -20.01 -22.51 1.72
C GLU A 201 -18.94 -23.05 0.76
N ARG A 202 -18.52 -22.20 -0.15
CA ARG A 202 -17.43 -22.46 -1.09
C ARG A 202 -16.12 -22.78 -0.36
N LEU A 203 -15.78 -21.95 0.62
CA LEU A 203 -14.56 -22.14 1.37
C LEU A 203 -14.56 -23.49 2.08
N GLN A 204 -15.70 -23.89 2.64
CA GLN A 204 -15.76 -25.19 3.27
C GLN A 204 -15.59 -26.33 2.25
N GLN A 205 -16.15 -26.16 1.06
CA GLN A 205 -16.09 -27.22 0.04
C GLN A 205 -14.65 -27.42 -0.44
N PHE A 206 -13.92 -26.33 -0.52
CA PHE A 206 -12.51 -26.36 -0.78
C PHE A 206 -11.69 -26.76 0.43
N ASP A 207 -12.30 -26.88 1.59
CA ASP A 207 -11.58 -27.25 2.83
C ASP A 207 -10.58 -26.19 3.28
N ALA A 208 -10.94 -24.91 3.16
CA ALA A 208 -10.09 -23.80 3.66
C ALA A 208 -10.19 -23.64 5.19
N PRO A 209 -9.25 -22.90 5.78
CA PRO A 209 -9.26 -22.71 7.20
C PRO A 209 -10.52 -21.90 7.51
N PRO A 210 -10.97 -21.94 8.76
CA PRO A 210 -12.16 -21.17 9.21
C PRO A 210 -12.09 -19.70 8.84
N ALA A 211 -13.23 -19.07 8.55
CA ALA A 211 -13.26 -17.69 8.04
C ALA A 211 -13.41 -16.73 9.18
N LEU A 212 -12.61 -15.67 9.17
CA LEU A 212 -12.93 -14.42 9.85
C LEU A 212 -13.28 -13.30 8.87
N LEU A 213 -14.44 -12.67 9.05
CA LEU A 213 -14.85 -11.51 8.23
C LEU A 213 -14.08 -10.34 8.74
N GLY A 214 -13.37 -9.67 7.85
CA GLY A 214 -12.40 -8.70 8.26
C GLY A 214 -12.48 -7.26 7.84
N PHE A 215 -13.41 -6.92 6.98
CA PHE A 215 -13.44 -5.57 6.41
C PHE A 215 -14.56 -4.68 6.90
N GLY A 216 -14.26 -3.46 7.30
CA GLY A 216 -15.31 -2.53 7.77
C GLY A 216 -16.08 -2.97 9.00
N ILE A 217 -15.48 -3.82 9.83
CA ILE A 217 -16.17 -4.32 11.01
C ILE A 217 -15.90 -3.36 12.16
N SER A 218 -16.92 -2.60 12.54
CA SER A 218 -16.81 -1.60 13.62
C SER A 218 -17.91 -1.69 14.66
N GLU A 219 -18.97 -2.42 14.39
CA GLU A 219 -20.06 -2.49 15.41
C GLU A 219 -20.25 -3.91 15.92
N PRO A 220 -20.61 -4.07 17.21
CA PRO A 220 -20.91 -5.39 17.75
C PRO A 220 -21.91 -6.16 16.93
N ALA A 221 -22.95 -5.51 16.40
CA ALA A 221 -23.95 -6.17 15.56
C ALA A 221 -23.32 -6.82 14.29
N GLN A 222 -22.26 -6.23 13.78
CA GLN A 222 -21.57 -6.83 12.61
C GLN A 222 -20.90 -8.11 12.98
N VAL A 223 -20.33 -8.13 14.18
CA VAL A 223 -19.73 -9.37 14.71
C VAL A 223 -20.78 -10.46 14.85
N LYS A 224 -21.88 -10.19 15.56
CA LYS A 224 -22.96 -11.15 15.70
C LYS A 224 -23.47 -11.65 14.31
N GLN A 225 -23.68 -10.71 13.37
CA GLN A 225 -24.08 -11.09 12.03
C GLN A 225 -23.06 -11.97 11.35
N ALA A 226 -21.76 -11.73 11.54
CA ALA A 226 -20.74 -12.55 10.88
C ALA A 226 -20.86 -14.01 11.32
N ILE A 227 -21.06 -14.18 12.62
CA ILE A 227 -21.20 -15.49 13.26
C ILE A 227 -22.48 -16.20 12.87
N GLU A 228 -23.56 -15.42 12.75
CA GLU A 228 -24.84 -15.95 12.34
C GLU A 228 -24.79 -16.47 10.89
N ALA A 229 -24.11 -15.74 10.01
CA ALA A 229 -23.90 -16.17 8.62
C ALA A 229 -23.01 -17.41 8.54
N GLY A 230 -22.28 -17.75 9.60
CA GLY A 230 -21.51 -18.97 9.62
C GLY A 230 -20.00 -18.79 9.66
N ALA A 231 -19.52 -17.54 9.73
CA ALA A 231 -18.12 -17.31 9.91
C ALA A 231 -17.73 -17.75 11.31
N ALA A 232 -16.46 -18.05 11.48
CA ALA A 232 -15.89 -18.45 12.76
C ALA A 232 -15.72 -17.26 13.75
N GLY A 233 -15.76 -16.06 13.20
CA GLY A 233 -15.52 -14.83 13.96
C GLY A 233 -15.35 -13.61 13.04
N ALA A 234 -14.92 -12.50 13.66
CA ALA A 234 -14.67 -11.25 12.96
C ALA A 234 -13.44 -10.54 13.48
N ILE A 235 -12.84 -9.76 12.58
CA ILE A 235 -11.69 -8.93 12.87
C ILE A 235 -12.01 -7.50 12.62
N SER A 236 -11.55 -6.62 13.51
CA SER A 236 -11.82 -5.18 13.43
C SER A 236 -10.52 -4.38 13.26
N GLY A 237 -10.30 -3.80 12.12
CA GLY A 237 -9.12 -2.93 11.90
C GLY A 237 -9.25 -1.55 12.53
N SER A 238 -9.73 -0.69 11.68
CA SER A 238 -9.82 0.72 11.93
C SER A 238 -10.40 1.09 13.29
N ALA A 239 -11.42 0.40 13.72
CA ALA A 239 -12.25 0.88 14.83
C ALA A 239 -11.49 0.84 16.15
N VAL A 240 -10.61 -0.13 16.30
CA VAL A 240 -9.76 -0.17 17.50
C VAL A 240 -8.71 0.92 17.45
N VAL A 241 -8.05 1.07 16.28
CA VAL A 241 -7.08 2.09 16.13
C VAL A 241 -7.66 3.49 16.32
N LYS A 242 -8.85 3.73 15.80
CA LYS A 242 -9.57 4.99 15.97
C LYS A 242 -9.67 5.37 17.45
N ILE A 243 -9.88 4.38 18.32
CA ILE A 243 -10.07 4.70 19.74
C ILE A 243 -8.76 5.29 20.29
N ILE A 244 -7.66 4.66 19.90
CA ILE A 244 -6.34 5.16 20.27
C ILE A 244 -6.19 6.63 19.76
N GLU A 245 -6.54 6.90 18.52
CA GLU A 245 -6.40 8.24 17.96
C GLU A 245 -7.26 9.29 18.65
N THR A 246 -8.45 8.90 19.08
CA THR A 246 -9.44 9.81 19.69
C THR A 246 -8.99 10.28 21.06
N HIS A 247 -8.27 9.44 21.79
CA HIS A 247 -7.76 9.72 23.10
C HIS A 247 -6.25 9.77 23.19
N LEU A 248 -5.59 10.26 22.16
CA LEU A 248 -4.16 10.46 22.22
C LEU A 248 -3.73 11.26 23.45
N ASP A 249 -4.53 12.25 23.81
CA ASP A 249 -4.19 13.13 24.95
C ASP A 249 -4.21 12.40 26.31
N ASN A 250 -4.84 11.24 26.39
CA ASN A 250 -5.10 10.63 27.69
C ASN A 250 -4.90 9.12 27.66
N PRO A 251 -3.66 8.65 27.95
CA PRO A 251 -3.33 7.25 27.86
C PRO A 251 -4.25 6.36 28.66
N ALA A 252 -4.65 6.81 29.83
CA ALA A 252 -5.51 6.02 30.71
C ALA A 252 -6.88 5.83 30.12
N LYS A 253 -7.40 6.84 29.45
CA LYS A 253 -8.70 6.68 28.84
C LYS A 253 -8.68 5.88 27.52
N GLN A 254 -7.56 5.93 26.82
CA GLN A 254 -7.31 5.01 25.71
C GLN A 254 -7.60 3.59 26.19
N LEU A 255 -7.00 3.19 27.30
CA LEU A 255 -7.10 1.82 27.72
C LEU A 255 -8.52 1.47 28.14
N THR A 256 -9.16 2.31 28.91
CA THR A 256 -10.52 1.98 29.42
C THR A 256 -11.50 1.98 28.23
N GLU A 257 -11.32 2.88 27.26
CA GLU A 257 -12.16 2.84 26.08
C GLU A 257 -11.87 1.60 25.19
N LEU A 258 -10.59 1.26 25.00
CA LEU A 258 -10.27 -0.01 24.31
C LEU A 258 -10.85 -1.24 25.06
N ALA A 259 -10.80 -1.26 26.38
CA ALA A 259 -11.37 -2.41 27.08
C ALA A 259 -12.89 -2.47 26.86
N ASN A 260 -13.54 -1.31 26.98
CA ASN A 260 -15.00 -1.24 26.86
C ASN A 260 -15.45 -1.69 25.47
N PHE A 261 -14.75 -1.19 24.44
CA PHE A 261 -15.07 -1.57 23.05
C PHE A 261 -14.86 -3.06 22.80
N THR A 262 -13.78 -3.62 23.35
CA THR A 262 -13.45 -4.99 23.20
C THR A 262 -14.48 -5.91 23.88
N GLN A 263 -14.94 -5.48 25.06
CA GLN A 263 -15.94 -6.22 25.79
C GLN A 263 -17.23 -6.22 24.98
N ALA A 264 -17.60 -5.08 24.44
CA ALA A 264 -18.81 -5.03 23.65
C ALA A 264 -18.70 -5.93 22.43
N MET A 265 -17.61 -5.82 21.67
CA MET A 265 -17.44 -6.69 20.52
C MET A 265 -17.36 -8.19 20.86
N LYS A 266 -16.75 -8.57 21.98
CA LYS A 266 -16.65 -9.98 22.30
C LYS A 266 -17.99 -10.53 22.77
N LYS A 267 -18.76 -9.69 23.48
CA LYS A 267 -20.06 -10.08 23.92
C LYS A 267 -20.92 -10.47 22.73
N ALA A 268 -20.77 -9.75 21.60
CA ALA A 268 -21.55 -10.04 20.41
C ALA A 268 -21.16 -11.37 19.73
N THR A 269 -20.06 -12.01 20.17
CA THR A 269 -19.71 -13.34 19.68
C THR A 269 -20.50 -14.44 20.39
N LYS A 270 -21.31 -14.12 21.39
CA LYS A 270 -21.93 -15.13 22.20
C LYS A 270 -23.39 -15.43 21.81
N ILE A 271 -23.82 -16.62 22.23
CA ILE A 271 -25.19 -17.22 22.21
C ILE A 271 -25.52 -17.98 20.92
N ALA B 3 26.36 15.73 -19.26
CA ALA B 3 25.55 14.95 -20.25
C ALA B 3 24.08 14.80 -19.76
N MET B 4 23.15 15.45 -20.45
CA MET B 4 21.79 15.63 -19.89
C MET B 4 20.92 14.38 -19.96
N ASN B 5 20.36 13.96 -18.83
CA ASN B 5 19.29 12.98 -18.89
C ASN B 5 18.03 13.59 -19.57
N ARG B 6 17.00 12.77 -19.78
CA ARG B 6 15.78 13.23 -20.51
C ARG B 6 15.09 14.34 -19.76
N TYR B 7 15.16 14.29 -18.43
CA TYR B 7 14.52 15.32 -17.60
C TYR B 7 15.26 16.66 -17.66
N GLN B 8 16.57 16.63 -17.63
CA GLN B 8 17.35 17.86 -17.77
C GLN B 8 17.07 18.49 -19.11
N ALA B 9 16.96 17.71 -20.17
CA ALA B 9 16.74 18.29 -21.50
C ALA B 9 15.33 18.88 -21.53
N LEU B 10 14.36 18.18 -20.97
CA LEU B 10 13.04 18.73 -20.74
C LEU B 10 13.04 20.09 -20.02
N PHE B 11 13.64 20.17 -18.84
CA PHE B 11 13.48 21.40 -18.09
C PHE B 11 14.18 22.57 -18.79
N GLN B 12 15.23 22.27 -19.55
CA GLN B 12 15.96 23.31 -20.31
C GLN B 12 14.97 23.90 -21.35
N ARG B 13 14.28 23.03 -22.07
CA ARG B 13 13.27 23.40 -23.01
C ARG B 13 12.13 24.16 -22.41
N LEU B 14 11.64 23.66 -21.28
CA LEU B 14 10.50 24.27 -20.66
C LEU B 14 10.90 25.69 -20.18
N SER B 15 12.12 25.80 -19.68
CA SER B 15 12.57 27.05 -19.15
C SER B 15 12.65 28.09 -20.28
N ALA B 16 13.13 27.69 -21.45
CA ALA B 16 13.16 28.55 -22.67
C ALA B 16 11.77 28.88 -23.17
N ALA B 17 10.81 28.02 -22.93
CA ALA B 17 9.49 28.26 -23.40
C ALA B 17 8.63 28.94 -22.35
N GLN B 18 9.16 29.22 -21.17
CA GLN B 18 8.39 29.96 -20.18
C GLN B 18 7.14 29.20 -19.76
N GLN B 19 7.36 27.91 -19.57
CA GLN B 19 6.34 26.98 -19.08
C GLN B 19 6.92 26.11 -17.95
N GLY B 20 6.04 25.69 -17.05
CA GLY B 20 6.37 24.61 -16.13
C GLY B 20 5.96 23.29 -16.76
N ALA B 21 6.16 22.20 -16.02
CA ALA B 21 5.88 20.85 -16.47
C ALA B 21 4.47 20.33 -16.07
N PHE B 22 3.81 19.64 -17.00
CA PHE B 22 2.63 18.80 -16.68
C PHE B 22 2.88 17.30 -16.91
N VAL B 23 2.72 16.52 -15.83
CA VAL B 23 3.04 15.08 -15.83
C VAL B 23 1.82 14.32 -15.30
N PRO B 24 1.11 13.64 -16.19
CA PRO B 24 0.01 12.77 -15.78
C PRO B 24 0.45 11.40 -15.32
N PHE B 25 -0.34 10.82 -14.42
CA PHE B 25 -0.12 9.48 -13.98
C PHE B 25 -1.18 8.51 -14.52
N VAL B 26 -0.73 7.32 -15.01
CA VAL B 26 -1.67 6.23 -15.30
C VAL B 26 -1.05 4.94 -14.88
N THR B 27 -1.92 3.95 -14.68
CA THR B 27 -1.51 2.60 -14.37
C THR B 27 -1.37 1.90 -15.71
N ILE B 28 -0.24 1.21 -15.88
CA ILE B 28 0.09 0.56 -17.10
C ILE B 28 -0.84 -0.64 -17.20
N GLY B 29 -1.47 -0.75 -18.36
CA GLY B 29 -2.41 -1.84 -18.67
C GLY B 29 -3.85 -1.54 -18.28
N ASP B 30 -4.14 -0.31 -17.85
CA ASP B 30 -5.48 0.06 -17.46
C ASP B 30 -6.06 0.80 -18.66
N PRO B 31 -7.23 0.31 -19.20
CA PRO B 31 -8.09 -0.82 -18.80
C PRO B 31 -7.72 -2.17 -19.45
N ASN B 32 -6.93 -2.13 -20.53
CA ASN B 32 -6.28 -3.32 -21.00
C ASN B 32 -5.00 -2.87 -21.68
N PRO B 33 -4.09 -3.78 -22.00
CA PRO B 33 -2.79 -3.36 -22.57
C PRO B 33 -2.87 -2.57 -23.85
N GLU B 34 -3.74 -2.99 -24.77
CA GLU B 34 -3.85 -2.28 -26.06
C GLU B 34 -4.34 -0.86 -25.87
N GLN B 35 -5.38 -0.69 -25.07
CA GLN B 35 -5.93 0.65 -24.84
C GLN B 35 -4.94 1.52 -24.04
N SER B 36 -4.20 0.91 -23.09
CA SER B 36 -3.19 1.62 -22.30
C SER B 36 -2.12 2.21 -23.18
N LEU B 37 -1.69 1.46 -24.19
CA LEU B 37 -0.76 1.93 -25.18
C LEU B 37 -1.40 3.11 -25.93
N ALA B 38 -2.70 3.06 -26.24
CA ALA B 38 -3.34 4.26 -26.91
C ALA B 38 -3.39 5.46 -25.95
N ILE B 39 -3.69 5.16 -24.69
CA ILE B 39 -3.80 6.21 -23.67
C ILE B 39 -2.45 6.90 -23.51
N MET B 40 -1.40 6.15 -23.31
CA MET B 40 -0.07 6.74 -23.16
C MET B 40 0.33 7.63 -24.34
N GLN B 41 0.05 7.17 -25.55
CA GLN B 41 0.36 7.96 -26.75
C GLN B 41 -0.52 9.22 -26.81
N THR B 42 -1.80 9.05 -26.48
CA THR B 42 -2.75 10.21 -26.44
C THR B 42 -2.28 11.30 -25.47
N LEU B 43 -1.82 10.88 -24.28
CA LEU B 43 -1.33 11.81 -23.28
C LEU B 43 -0.11 12.59 -23.81
N ILE B 44 0.84 11.89 -24.43
CA ILE B 44 2.02 12.54 -25.00
C ILE B 44 1.59 13.48 -26.11
N ASP B 45 0.69 13.03 -26.96
CA ASP B 45 0.33 13.80 -28.18
C ASP B 45 -0.36 15.08 -27.77
N ALA B 46 -1.10 15.01 -26.66
CA ALA B 46 -1.89 16.10 -26.14
C ALA B 46 -1.08 17.07 -25.23
N GLY B 47 0.23 16.83 -25.11
CA GLY B 47 1.20 17.78 -24.61
C GLY B 47 1.78 17.45 -23.22
N ALA B 48 1.54 16.24 -22.73
CA ALA B 48 2.15 15.79 -21.44
C ALA B 48 3.66 15.95 -21.57
N ASP B 49 4.30 16.60 -20.62
CA ASP B 49 5.73 16.80 -20.72
C ASP B 49 6.58 15.53 -20.40
N ALA B 50 6.03 14.67 -19.55
CA ALA B 50 6.61 13.38 -19.18
C ALA B 50 5.45 12.51 -18.73
N LEU B 51 5.73 11.23 -18.54
CA LEU B 51 4.70 10.30 -18.02
C LEU B 51 5.14 9.78 -16.67
N GLU B 52 4.20 9.59 -15.76
CA GLU B 52 4.47 8.84 -14.56
C GLU B 52 3.61 7.60 -14.59
N LEU B 53 4.21 6.42 -14.36
CA LEU B 53 3.53 5.19 -14.74
C LEU B 53 3.63 4.22 -13.62
N GLY B 54 2.52 3.51 -13.34
CA GLY B 54 2.49 2.51 -12.29
C GLY B 54 2.33 1.11 -12.85
N MET B 55 2.85 0.11 -12.13
CA MET B 55 2.60 -1.27 -12.50
C MET B 55 1.54 -1.84 -11.57
N PRO B 56 0.57 -2.58 -12.12
CA PRO B 56 -0.52 -2.96 -11.25
C PRO B 56 -0.20 -4.14 -10.33
N PHE B 57 -0.74 -4.14 -9.12
CA PHE B 57 -0.69 -5.26 -8.21
C PHE B 57 -1.91 -5.21 -7.29
N SER B 58 -2.18 -6.29 -6.64
CA SER B 58 -3.41 -6.47 -5.88
C SER B 58 -3.16 -6.06 -4.43
N ASP B 59 -3.94 -5.10 -3.91
CA ASP B 59 -3.89 -4.71 -2.49
C ASP B 59 -5.34 -4.51 -2.05
N PRO B 60 -5.98 -5.61 -1.69
CA PRO B 60 -7.43 -5.45 -1.55
C PRO B 60 -7.82 -4.75 -0.29
N LEU B 61 -6.91 -4.62 0.67
CA LEU B 61 -7.21 -3.89 1.89
C LEU B 61 -7.13 -2.38 1.70
N ALA B 62 -6.58 -1.92 0.57
CA ALA B 62 -6.28 -0.48 0.39
C ALA B 62 -7.53 0.36 0.34
N ASP B 63 -7.41 1.58 0.89
CA ASP B 63 -8.45 2.60 0.77
C ASP B 63 -8.00 3.61 -0.20
N GLY B 64 -8.60 3.64 -1.37
CA GLY B 64 -8.19 4.54 -2.43
C GLY B 64 -8.85 4.02 -3.69
N PRO B 65 -10.17 4.28 -3.85
CA PRO B 65 -10.97 3.64 -4.90
C PRO B 65 -10.46 3.85 -6.34
N THR B 66 -9.96 5.03 -6.64
CA THR B 66 -9.50 5.33 -8.03
C THR B 66 -8.34 4.45 -8.44
N ILE B 67 -7.24 4.53 -7.70
CA ILE B 67 -6.07 3.70 -7.99
C ILE B 67 -6.35 2.20 -7.78
N GLN B 68 -7.23 1.84 -6.86
CA GLN B 68 -7.59 0.44 -6.70
C GLN B 68 -8.31 -0.15 -7.92
N GLY B 69 -9.21 0.63 -8.48
CA GLY B 69 -9.97 0.17 -9.61
C GLY B 69 -9.09 0.03 -10.83
N ALA B 70 -8.11 0.91 -10.94
CA ALA B 70 -7.14 0.83 -12.02
C ALA B 70 -6.34 -0.47 -11.92
N ASN B 71 -5.87 -0.79 -10.72
CA ASN B 71 -5.18 -2.06 -10.49
C ASN B 71 -6.06 -3.21 -10.88
N LEU B 72 -7.30 -3.23 -10.39
CA LEU B 72 -8.22 -4.34 -10.66
C LEU B 72 -8.45 -4.48 -12.18
N ARG B 73 -8.76 -3.39 -12.86
CA ARG B 73 -8.96 -3.43 -14.30
C ARG B 73 -7.75 -4.01 -15.05
N ALA B 74 -6.58 -3.40 -14.86
CA ALA B 74 -5.36 -3.86 -15.51
C ALA B 74 -5.06 -5.34 -15.22
N LEU B 75 -5.30 -5.80 -13.99
CA LEU B 75 -5.03 -7.19 -13.63
C LEU B 75 -6.06 -8.16 -14.24
N ALA B 76 -7.34 -7.76 -14.27
CA ALA B 76 -8.32 -8.62 -14.95
C ALA B 76 -8.01 -8.74 -16.44
N ALA B 77 -7.37 -7.74 -17.02
CA ALA B 77 -6.94 -7.82 -18.41
C ALA B 77 -5.56 -8.50 -18.55
N LYS B 78 -5.04 -9.08 -17.47
CA LYS B 78 -3.86 -9.90 -17.49
C LYS B 78 -2.56 -9.16 -17.71
N THR B 79 -2.48 -7.95 -17.20
CA THR B 79 -1.27 -7.14 -17.31
C THR B 79 -0.29 -7.73 -16.26
N THR B 80 0.97 -7.88 -16.67
CA THR B 80 1.99 -8.37 -15.82
C THR B 80 3.17 -7.40 -15.93
N PRO B 81 4.12 -7.56 -15.04
CA PRO B 81 5.32 -6.73 -15.12
C PRO B 81 6.02 -6.91 -16.50
N ASP B 82 6.10 -8.14 -16.98
CA ASP B 82 6.77 -8.36 -18.29
C ASP B 82 6.10 -7.48 -19.38
N ILE B 83 4.78 -7.51 -19.42
CA ILE B 83 4.02 -6.72 -20.34
C ILE B 83 4.23 -5.22 -20.10
N CYS B 84 4.18 -4.77 -18.83
CA CYS B 84 4.44 -3.37 -18.53
C CYS B 84 5.75 -2.96 -19.21
N PHE B 85 6.80 -3.76 -19.02
CA PHE B 85 8.10 -3.36 -19.65
C PHE B 85 8.01 -3.37 -21.18
N GLU B 86 7.26 -4.32 -21.76
CA GLU B 86 7.10 -4.32 -23.23
C GLU B 86 6.35 -3.08 -23.73
N LEU B 87 5.35 -2.61 -22.97
CA LEU B 87 4.56 -1.43 -23.40
C LEU B 87 5.39 -0.15 -23.27
N ILE B 88 6.10 -0.06 -22.15
CA ILE B 88 7.05 1.01 -21.97
C ILE B 88 8.03 1.06 -23.13
N ALA B 89 8.53 -0.12 -23.57
CA ALA B 89 9.54 -0.07 -24.63
C ALA B 89 8.92 0.46 -25.93
N GLN B 90 7.63 0.21 -26.15
CA GLN B 90 7.02 0.65 -27.40
C GLN B 90 6.80 2.13 -27.41
N ILE B 91 6.41 2.67 -26.26
CA ILE B 91 6.24 4.11 -26.07
C ILE B 91 7.54 4.83 -26.26
N ARG B 92 8.60 4.21 -25.80
CA ARG B 92 9.94 4.77 -25.87
C ARG B 92 10.43 4.87 -27.30
N ALA B 93 10.16 3.83 -28.10
CA ALA B 93 10.60 3.77 -29.50
C ALA B 93 9.91 4.84 -30.33
N ARG B 94 8.61 5.00 -30.10
CA ARG B 94 7.81 6.00 -30.76
C ARG B 94 8.01 7.43 -30.20
N ASN B 95 8.54 7.56 -28.97
CA ASN B 95 8.66 8.88 -28.35
C ASN B 95 10.04 9.04 -27.70
N PRO B 96 11.09 9.12 -28.54
CA PRO B 96 12.47 8.96 -28.06
C PRO B 96 12.90 9.98 -26.96
N GLU B 97 12.30 11.19 -26.97
CA GLU B 97 12.61 12.26 -26.02
C GLU B 97 11.74 12.33 -24.77
N THR B 98 10.58 11.68 -24.79
CA THR B 98 9.67 11.91 -23.70
C THR B 98 10.19 11.20 -22.45
N PRO B 99 10.41 11.92 -21.33
CA PRO B 99 10.79 11.22 -20.07
C PRO B 99 9.69 10.29 -19.55
N ILE B 100 10.11 9.15 -19.01
CA ILE B 100 9.17 8.15 -18.53
C ILE B 100 9.61 7.76 -17.12
N GLY B 101 8.75 8.05 -16.16
CA GLY B 101 9.01 7.81 -14.78
C GLY B 101 8.08 6.68 -14.32
N LEU B 102 8.62 5.78 -13.49
CA LEU B 102 7.84 4.75 -12.85
C LEU B 102 7.56 5.18 -11.43
N LEU B 103 6.31 5.06 -11.01
CA LEU B 103 5.95 5.14 -9.57
C LEU B 103 5.63 3.74 -9.15
N MET B 104 6.49 3.14 -8.32
CA MET B 104 6.42 1.74 -7.91
C MET B 104 6.33 1.61 -6.40
N TYR B 105 5.60 0.60 -5.98
CA TYR B 105 5.72 0.10 -4.64
C TYR B 105 6.88 -0.92 -4.60
N ALA B 106 7.57 -0.99 -3.48
CA ALA B 106 8.73 -1.90 -3.34
C ALA B 106 8.44 -3.36 -3.73
N ASN B 107 7.24 -3.85 -3.38
CA ASN B 107 6.90 -5.25 -3.60
C ASN B 107 7.41 -5.80 -4.93
N LEU B 108 7.02 -5.13 -6.01
CA LEU B 108 7.31 -5.62 -7.33
C LEU B 108 8.79 -5.48 -7.74
N VAL B 109 9.46 -4.55 -7.08
CA VAL B 109 10.88 -4.29 -7.29
C VAL B 109 11.71 -5.34 -6.61
N TYR B 110 11.38 -5.72 -5.36
CA TYR B 110 11.99 -6.90 -4.66
C TYR B 110 11.67 -8.26 -5.26
N ALA B 111 10.47 -8.43 -5.80
CA ALA B 111 9.93 -9.74 -6.14
C ALA B 111 10.82 -10.59 -7.05
N ARG B 112 11.47 -9.97 -8.04
CA ARG B 112 12.34 -10.72 -8.93
C ARG B 112 13.73 -10.18 -8.85
N GLY B 113 13.98 -9.41 -7.82
CA GLY B 113 15.32 -8.86 -7.54
C GLY B 113 15.40 -7.42 -7.94
N ILE B 114 16.06 -6.60 -7.11
CA ILE B 114 16.19 -5.15 -7.27
C ILE B 114 17.05 -4.81 -8.48
N ASP B 115 18.26 -5.38 -8.54
CA ASP B 115 19.13 -5.26 -9.73
C ASP B 115 18.41 -5.66 -11.03
N ASP B 116 17.77 -6.83 -11.04
CA ASP B 116 16.96 -7.24 -12.18
C ASP B 116 15.95 -6.12 -12.60
N PHE B 117 15.25 -5.54 -11.62
CA PHE B 117 14.16 -4.61 -11.96
C PHE B 117 14.75 -3.38 -12.64
N TYR B 118 15.79 -2.83 -12.04
CA TYR B 118 16.38 -1.62 -12.60
C TYR B 118 17.09 -1.89 -13.93
N GLN B 119 17.54 -3.12 -14.13
CA GLN B 119 18.13 -3.48 -15.41
C GLN B 119 17.06 -3.53 -16.48
N ARG B 120 15.91 -4.08 -16.15
CA ARG B 120 14.78 -4.05 -17.07
C ARG B 120 14.30 -2.63 -17.35
N CYS B 121 14.38 -1.73 -16.36
CA CYS B 121 14.08 -0.30 -16.59
C CYS B 121 15.03 0.31 -17.64
N GLN B 122 16.35 0.09 -17.44
CA GLN B 122 17.33 0.49 -18.43
C GLN B 122 16.99 -0.02 -19.86
N LYS B 123 16.84 -1.34 -20.00
CA LYS B 123 16.48 -1.94 -21.27
C LYS B 123 15.22 -1.34 -21.88
N ALA B 124 14.22 -1.05 -21.02
CA ALA B 124 12.98 -0.50 -21.51
C ALA B 124 13.01 1.00 -21.85
N GLY B 125 14.07 1.70 -21.45
CA GLY B 125 14.17 3.13 -21.71
C GLY B 125 13.51 4.01 -20.66
N VAL B 126 13.26 3.46 -19.47
CA VAL B 126 12.75 4.20 -18.29
C VAL B 126 13.80 5.18 -17.82
N ASP B 127 13.37 6.39 -17.52
CA ASP B 127 14.27 7.39 -17.02
C ASP B 127 14.40 7.39 -15.52
N SER B 128 13.28 7.34 -14.82
CA SER B 128 13.30 7.44 -13.35
C SER B 128 12.42 6.38 -12.67
N VAL B 129 12.76 6.09 -11.39
CA VAL B 129 11.98 5.30 -10.46
C VAL B 129 11.80 5.96 -9.08
N LEU B 130 10.53 6.13 -8.72
CA LEU B 130 10.12 6.54 -7.42
C LEU B 130 9.62 5.33 -6.65
N ILE B 131 10.28 5.01 -5.53
CA ILE B 131 9.81 3.93 -4.70
C ILE B 131 8.91 4.56 -3.67
N ALA B 132 7.62 4.33 -3.79
CA ALA B 132 6.60 4.98 -2.97
C ALA B 132 6.66 4.73 -1.45
N ASP B 133 7.13 3.54 -1.04
CA ASP B 133 6.93 3.10 0.35
C ASP B 133 8.20 2.73 1.08
N VAL B 134 9.30 3.38 0.71
CA VAL B 134 10.61 3.24 1.36
C VAL B 134 11.15 4.64 1.54
N PRO B 135 11.47 5.05 2.77
CA PRO B 135 11.93 6.39 3.07
C PRO B 135 13.36 6.61 2.58
N THR B 136 13.75 7.86 2.31
CA THR B 136 15.08 8.18 1.78
C THR B 136 16.16 7.51 2.60
N ASN B 137 16.03 7.58 3.92
CA ASN B 137 17.08 7.03 4.78
C ASN B 137 17.15 5.52 4.82
N GLU B 138 16.26 4.85 4.07
CA GLU B 138 16.33 3.39 3.82
C GLU B 138 16.51 3.06 2.33
N SER B 139 16.84 4.03 1.47
CA SER B 139 16.73 3.80 0.02
C SER B 139 18.00 3.27 -0.61
N GLN B 140 19.01 2.98 0.20
CA GLN B 140 20.35 2.57 -0.29
C GLN B 140 20.35 1.53 -1.41
N PRO B 141 19.67 0.37 -1.25
CA PRO B 141 19.77 -0.61 -2.35
C PRO B 141 19.05 -0.24 -3.64
N PHE B 142 18.05 0.61 -3.53
CA PHE B 142 17.36 1.12 -4.68
C PHE B 142 18.23 2.16 -5.42
N VAL B 143 18.80 3.09 -4.65
CA VAL B 143 19.71 4.15 -5.16
C VAL B 143 20.94 3.56 -5.81
N ALA B 144 21.52 2.52 -5.21
CA ALA B 144 22.64 1.77 -5.82
C ALA B 144 22.28 1.06 -7.14
N ALA B 145 21.22 0.27 -7.16
CA ALA B 145 20.82 -0.30 -8.42
C ALA B 145 20.49 0.81 -9.47
N ALA B 146 19.82 1.89 -9.02
CA ALA B 146 19.48 3.01 -9.91
C ALA B 146 20.76 3.58 -10.53
N GLU B 147 21.75 3.83 -9.70
CA GLU B 147 23.02 4.35 -10.15
C GLU B 147 23.65 3.34 -11.12
N LYS B 148 23.64 2.07 -10.77
CA LYS B 148 24.26 1.04 -11.58
C LYS B 148 23.70 1.00 -12.98
N PHE B 149 22.39 1.20 -13.13
CA PHE B 149 21.79 1.03 -14.43
C PHE B 149 21.33 2.35 -15.10
N GLY B 150 21.86 3.48 -14.61
CA GLY B 150 21.60 4.78 -15.25
C GLY B 150 20.18 5.31 -15.08
N ILE B 151 19.49 4.83 -14.05
CA ILE B 151 18.15 5.31 -13.72
C ILE B 151 18.29 6.36 -12.64
N GLN B 152 17.49 7.40 -12.78
CA GLN B 152 17.34 8.47 -11.80
C GLN B 152 16.34 8.08 -10.72
N PRO B 153 16.77 8.06 -9.44
CA PRO B 153 15.83 7.88 -8.33
C PRO B 153 15.06 9.17 -8.02
N ILE B 154 13.75 9.05 -7.83
CA ILE B 154 12.90 10.18 -7.47
C ILE B 154 12.36 9.94 -6.08
N PHE B 155 12.37 10.97 -5.24
CA PHE B 155 11.88 10.89 -3.86
C PHE B 155 10.77 11.89 -3.60
N ILE B 156 9.96 11.54 -2.63
CA ILE B 156 8.88 12.41 -2.17
C ILE B 156 9.44 13.22 -1.04
N ALA B 157 9.26 14.54 -1.09
CA ALA B 157 9.57 15.41 0.05
C ALA B 157 8.28 15.86 0.77
N PRO B 158 7.93 15.20 1.88
CA PRO B 158 6.73 15.65 2.59
C PRO B 158 7.03 16.91 3.44
N PRO B 159 6.02 17.79 3.62
CA PRO B 159 6.32 19.07 4.28
C PRO B 159 6.78 18.88 5.73
N THR B 160 6.20 17.90 6.40
CA THR B 160 6.61 17.48 7.74
C THR B 160 8.13 17.27 7.83
N ALA B 161 8.73 16.74 6.77
CA ALA B 161 10.18 16.48 6.72
C ALA B 161 11.02 17.70 7.10
N SER B 162 12.26 17.44 7.50
CA SER B 162 13.04 18.40 8.29
C SER B 162 14.22 19.03 7.54
N ASP B 163 15.40 18.40 7.64
CA ASP B 163 16.63 18.91 7.02
C ASP B 163 17.49 17.79 6.46
N GLU B 164 17.92 16.87 7.30
CA GLU B 164 18.81 15.80 6.85
C GLU B 164 18.08 14.82 5.94
N THR B 165 16.79 14.66 6.19
CA THR B 165 15.88 13.98 5.27
C THR B 165 15.86 14.73 3.95
N LEU B 166 15.95 16.05 4.06
CA LEU B 166 15.76 16.94 2.93
C LEU B 166 17.03 17.18 2.08
N ARG B 167 18.22 17.14 2.70
CA ARG B 167 19.48 17.22 1.97
C ARG B 167 19.78 15.88 1.35
N ALA B 168 19.26 14.82 1.96
CA ALA B 168 19.33 13.48 1.40
C ALA B 168 18.50 13.37 0.11
N VAL B 169 17.33 14.03 0.09
CA VAL B 169 16.48 14.06 -1.09
C VAL B 169 17.13 14.84 -2.21
N ALA B 170 17.78 15.96 -1.87
CA ALA B 170 18.42 16.82 -2.87
C ALA B 170 19.71 16.20 -3.37
N GLN B 171 20.42 15.51 -2.49
CA GLN B 171 21.67 14.88 -2.87
C GLN B 171 21.37 13.66 -3.73
N LEU B 172 20.59 12.71 -3.19
CA LEU B 172 20.43 11.36 -3.77
C LEU B 172 19.52 11.38 -4.98
N GLY B 173 18.47 12.20 -4.91
CA GLY B 173 17.51 12.39 -5.99
C GLY B 173 18.03 12.98 -7.29
N LYS B 174 17.41 12.56 -8.38
CA LYS B 174 17.73 13.08 -9.71
C LYS B 174 16.43 13.23 -10.50
N GLY B 175 16.47 14.04 -11.55
CA GLY B 175 15.30 14.19 -12.43
C GLY B 175 14.34 15.27 -11.95
N TYR B 176 13.44 14.91 -11.03
CA TYR B 176 12.65 15.89 -10.27
C TYR B 176 12.42 15.43 -8.84
N THR B 177 11.84 16.30 -8.02
CA THR B 177 11.51 16.00 -6.62
C THR B 177 10.01 16.02 -6.54
N TYR B 178 9.45 15.02 -5.89
CA TYR B 178 8.00 14.90 -5.79
C TYR B 178 7.48 15.54 -4.49
N LEU B 179 6.68 16.60 -4.57
CA LEU B 179 6.17 17.26 -3.36
C LEU B 179 4.70 17.02 -3.17
N LEU B 180 4.32 16.75 -1.92
CA LEU B 180 2.92 16.58 -1.51
C LEU B 180 2.38 17.83 -0.78
N SER B 181 3.10 18.92 -0.83
CA SER B 181 2.56 20.19 -0.34
C SER B 181 1.42 20.69 -1.23
N ARG B 182 0.42 21.35 -0.64
CA ARG B 182 -0.61 21.99 -1.49
C ARG B 182 -0.37 23.50 -1.70
N ALA B 183 -0.87 24.02 -2.81
CA ALA B 183 -0.88 25.46 -3.09
C ALA B 183 -2.33 25.99 -3.05
N PRO B 195 3.75 27.39 4.07
CA PRO B 195 4.58 26.20 4.23
C PRO B 195 5.28 25.81 2.92
N VAL B 196 4.60 25.98 1.78
CA VAL B 196 5.11 25.54 0.48
C VAL B 196 6.21 26.45 -0.09
N HIS B 197 6.02 27.76 0.01
CA HIS B 197 7.07 28.74 -0.32
C HIS B 197 8.34 28.31 0.40
N ALA B 198 8.16 28.01 1.69
CA ALA B 198 9.24 27.63 2.60
C ALA B 198 9.95 26.36 2.18
N LEU B 199 9.20 25.30 1.90
CA LEU B 199 9.77 24.00 1.56
C LEU B 199 10.47 24.02 0.20
N LEU B 200 9.92 24.75 -0.77
CA LEU B 200 10.55 24.96 -2.06
C LEU B 200 11.87 25.71 -1.88
N GLU B 201 11.86 26.70 -0.98
CA GLU B 201 13.05 27.51 -0.74
C GLU B 201 14.23 26.64 -0.31
N ARG B 202 14.05 25.80 0.70
CA ARG B 202 15.12 24.91 1.16
C ARG B 202 15.57 23.95 0.06
N LEU B 203 14.63 23.45 -0.75
CA LEU B 203 14.98 22.52 -1.81
C LEU B 203 15.93 23.16 -2.79
N GLN B 204 15.59 24.35 -3.25
CA GLN B 204 16.45 25.08 -4.19
C GLN B 204 17.74 25.50 -3.51
N GLN B 205 17.68 25.79 -2.21
CA GLN B 205 18.88 26.11 -1.43
C GLN B 205 19.83 24.92 -1.31
N PHE B 206 19.31 23.70 -1.27
CA PHE B 206 20.18 22.50 -1.24
C PHE B 206 20.49 21.91 -2.63
N ASP B 207 20.10 22.60 -3.71
CA ASP B 207 20.39 22.10 -5.06
C ASP B 207 19.57 20.85 -5.43
N ALA B 208 18.35 20.74 -4.91
CA ALA B 208 17.49 19.61 -5.27
C ALA B 208 17.08 19.60 -6.77
N PRO B 209 16.71 18.43 -7.28
CA PRO B 209 16.18 18.54 -8.63
C PRO B 209 14.80 19.27 -8.59
N PRO B 210 14.42 19.86 -9.73
CA PRO B 210 13.24 20.70 -9.79
C PRO B 210 12.03 20.01 -9.17
N ALA B 211 11.26 20.79 -8.44
CA ALA B 211 10.14 20.33 -7.62
C ALA B 211 8.81 20.34 -8.37
N LEU B 212 8.14 19.18 -8.38
CA LEU B 212 6.77 19.10 -8.91
C LEU B 212 5.76 18.89 -7.76
N LEU B 213 4.64 19.60 -7.80
CA LEU B 213 3.58 19.44 -6.79
C LEU B 213 2.68 18.33 -7.24
N GLY B 214 2.44 17.34 -6.37
CA GLY B 214 1.59 16.20 -6.75
C GLY B 214 0.34 15.90 -5.91
N PHE B 215 -0.06 16.79 -5.01
CA PHE B 215 -1.20 16.54 -4.16
C PHE B 215 -2.45 17.14 -4.71
N GLY B 216 -3.41 16.26 -4.99
CA GLY B 216 -4.77 16.64 -5.38
C GLY B 216 -4.89 17.45 -6.67
N ILE B 217 -3.97 17.26 -7.60
CA ILE B 217 -3.94 18.02 -8.84
C ILE B 217 -4.88 17.39 -9.85
N SER B 218 -6.10 17.91 -9.92
CA SER B 218 -7.06 17.41 -10.88
C SER B 218 -7.75 18.45 -11.77
N GLU B 219 -7.45 19.75 -11.58
CA GLU B 219 -8.02 20.80 -12.43
C GLU B 219 -6.93 21.74 -12.91
N PRO B 220 -7.11 22.33 -14.09
CA PRO B 220 -6.08 23.24 -14.60
C PRO B 220 -5.72 24.36 -13.66
N ALA B 221 -6.69 24.86 -12.90
CA ALA B 221 -6.39 25.93 -11.97
C ALA B 221 -5.38 25.50 -10.88
N GLN B 222 -5.37 24.22 -10.49
CA GLN B 222 -4.31 23.74 -9.61
C GLN B 222 -2.95 23.70 -10.25
N VAL B 223 -2.89 23.55 -11.57
CA VAL B 223 -1.59 23.53 -12.27
C VAL B 223 -1.01 24.97 -12.30
N LYS B 224 -1.85 25.92 -12.69
CA LYS B 224 -1.42 27.33 -12.66
C LYS B 224 -1.04 27.73 -11.23
N GLN B 225 -1.84 27.39 -10.24
CA GLN B 225 -1.48 27.67 -8.85
C GLN B 225 -0.13 27.07 -8.40
N ALA B 226 0.15 25.80 -8.73
CA ALA B 226 1.47 25.19 -8.48
C ALA B 226 2.65 26.00 -8.97
N ILE B 227 2.54 26.49 -10.21
CA ILE B 227 3.60 27.26 -10.84
C ILE B 227 3.74 28.64 -10.21
N GLU B 228 2.62 29.34 -10.07
CA GLU B 228 2.57 30.60 -9.37
C GLU B 228 3.17 30.50 -7.98
N ALA B 229 2.98 29.36 -7.35
CA ALA B 229 3.53 29.12 -6.06
C ALA B 229 5.06 28.97 -6.10
N GLY B 230 5.68 28.83 -7.29
CA GLY B 230 7.15 28.67 -7.43
C GLY B 230 7.69 27.30 -7.85
N ALA B 231 6.79 26.31 -7.95
CA ALA B 231 7.13 24.93 -8.36
C ALA B 231 7.45 24.88 -9.84
N ALA B 232 8.18 23.84 -10.25
CA ALA B 232 8.61 23.70 -11.64
C ALA B 232 7.51 23.07 -12.47
N GLY B 233 6.38 22.71 -11.85
CA GLY B 233 5.35 21.92 -12.53
C GLY B 233 4.44 21.18 -11.56
N ALA B 234 3.56 20.38 -12.12
CA ALA B 234 2.58 19.64 -11.36
C ALA B 234 2.37 18.24 -11.93
N ILE B 235 2.11 17.29 -11.02
CA ILE B 235 1.80 15.90 -11.35
C ILE B 235 0.39 15.62 -10.94
N SER B 236 -0.43 15.12 -11.88
CA SER B 236 -1.80 14.80 -11.60
C SER B 236 -1.87 13.30 -11.28
N GLY B 237 -1.98 12.98 -10.01
CA GLY B 237 -1.71 11.64 -9.53
C GLY B 237 -2.81 10.63 -9.75
N SER B 238 -4.05 11.09 -9.77
CA SER B 238 -5.23 10.24 -9.94
C SER B 238 -6.28 10.75 -10.92
N ALA B 239 -6.25 12.02 -11.30
CA ALA B 239 -7.28 12.58 -12.18
C ALA B 239 -7.49 11.90 -13.53
N VAL B 240 -6.40 11.50 -14.11
CA VAL B 240 -6.43 10.87 -15.41
C VAL B 240 -7.04 9.48 -15.26
N VAL B 241 -6.75 8.80 -14.18
CA VAL B 241 -7.34 7.49 -13.94
C VAL B 241 -8.85 7.61 -13.76
N LYS B 242 -9.30 8.67 -13.12
CA LYS B 242 -10.74 8.90 -12.96
C LYS B 242 -11.47 9.08 -14.34
N ILE B 243 -10.78 9.70 -15.32
CA ILE B 243 -11.39 9.87 -16.64
C ILE B 243 -11.50 8.50 -17.28
N ILE B 244 -10.45 7.68 -17.16
CA ILE B 244 -10.52 6.32 -17.66
C ILE B 244 -11.74 5.60 -17.09
N GLU B 245 -11.87 5.68 -15.77
CA GLU B 245 -12.86 4.95 -15.01
C GLU B 245 -14.28 5.30 -15.42
N THR B 246 -14.51 6.55 -15.81
CA THR B 246 -15.88 7.04 -16.08
C THR B 246 -16.25 6.92 -17.57
N HIS B 247 -15.35 6.41 -18.38
CA HIS B 247 -15.59 6.25 -19.81
C HIS B 247 -15.16 4.84 -20.25
N LEU B 248 -15.33 3.87 -19.37
CA LEU B 248 -14.97 2.50 -19.66
C LEU B 248 -15.69 1.89 -20.86
N ASP B 249 -16.89 2.37 -21.19
CA ASP B 249 -17.70 1.69 -22.22
C ASP B 249 -17.52 2.21 -23.62
N ASN B 250 -16.55 3.10 -23.80
CA ASN B 250 -16.41 3.78 -25.07
C ASN B 250 -14.95 4.26 -25.20
N PRO B 251 -14.11 3.40 -25.74
CA PRO B 251 -12.68 3.67 -25.86
C PRO B 251 -12.31 4.94 -26.64
N ALA B 252 -13.00 5.22 -27.74
CA ALA B 252 -12.67 6.39 -28.57
C ALA B 252 -12.95 7.73 -27.82
N LYS B 253 -14.04 7.76 -27.06
CA LYS B 253 -14.39 8.88 -26.21
C LYS B 253 -13.41 9.01 -25.06
N GLN B 254 -12.98 7.87 -24.56
CA GLN B 254 -12.09 7.88 -23.44
C GLN B 254 -10.84 8.65 -23.89
N LEU B 255 -10.41 8.40 -25.11
CA LEU B 255 -9.19 9.04 -25.64
C LEU B 255 -9.41 10.52 -25.92
N THR B 256 -10.56 10.87 -26.50
CA THR B 256 -10.93 12.30 -26.69
C THR B 256 -10.97 13.14 -25.38
N GLU B 257 -11.61 12.59 -24.34
CA GLU B 257 -11.58 13.22 -23.02
C GLU B 257 -10.15 13.35 -22.45
N LEU B 258 -9.26 12.40 -22.71
CA LEU B 258 -7.92 12.47 -22.14
C LEU B 258 -7.10 13.51 -22.88
N ALA B 259 -7.25 13.56 -24.20
CA ALA B 259 -6.63 14.60 -24.96
C ALA B 259 -7.08 15.95 -24.44
N ASN B 260 -8.39 16.14 -24.26
CA ASN B 260 -8.90 17.50 -23.92
C ASN B 260 -8.40 17.90 -22.52
N PHE B 261 -8.44 16.94 -21.59
CA PHE B 261 -8.01 17.22 -20.26
C PHE B 261 -6.50 17.57 -20.30
N THR B 262 -5.74 16.76 -21.02
CA THR B 262 -4.27 16.97 -21.02
C THR B 262 -3.90 18.32 -21.62
N GLN B 263 -4.54 18.67 -22.75
CA GLN B 263 -4.41 20.01 -23.34
C GLN B 263 -4.69 21.16 -22.36
N ALA B 264 -5.81 21.06 -21.66
CA ALA B 264 -6.18 22.12 -20.74
C ALA B 264 -5.22 22.18 -19.55
N MET B 265 -4.72 21.02 -19.10
CA MET B 265 -3.72 21.01 -17.97
C MET B 265 -2.37 21.62 -18.42
N LYS B 266 -1.95 21.32 -19.66
CA LYS B 266 -0.67 21.80 -20.14
C LYS B 266 -0.70 23.32 -20.38
N LYS B 267 -1.84 23.81 -20.82
CA LYS B 267 -2.04 25.23 -21.06
C LYS B 267 -1.84 26.06 -19.79
N ALA B 268 -2.36 25.50 -18.70
CA ALA B 268 -2.23 26.05 -17.38
C ALA B 268 -0.77 26.10 -16.90
N THR B 269 0.17 25.50 -17.66
CA THR B 269 1.59 25.58 -17.27
C THR B 269 2.33 26.83 -17.80
N LYS B 270 1.68 27.56 -18.67
CA LYS B 270 2.21 28.83 -19.20
C LYS B 270 2.48 29.78 -18.04
N ILE B 271 3.76 30.15 -17.84
CA ILE B 271 4.12 31.17 -16.82
C ILE B 271 3.68 32.57 -17.31
C1 EDO C . -7.31 -2.91 7.10
O1 EDO C . -8.61 -2.87 6.48
C2 EDO C . -7.54 -3.80 8.31
O2 EDO C . -6.32 -4.16 9.01
#